data_7JG0
#
_entry.id   7JG0
#
_cell.length_a   75.232
_cell.length_b   75.232
_cell.length_c   99.955
_cell.angle_alpha   90.000
_cell.angle_beta   90.000
_cell.angle_gamma   120.000
#
_symmetry.space_group_name_H-M   'P 32 2 1'
#
loop_
_entity.id
_entity.type
_entity.pdbx_description
1 polymer 'Trifunctional purine biosynthetic protein adenosine-3'
2 non-polymer 'GLYCINAMIDE RIBONUCLEOTIDE'
3 non-polymer 'N-{5-[4-(2-amino-4-oxo-3,4-dihydrothieno[2,3-d]pyrimidin-6-yl)butyl]thiophene-2-carbonyl}-L-glutamic acid'
4 water water
#
_entity_poly.entity_id   1
_entity_poly.type   'polypeptide(L)'
_entity_poly.pdbx_seq_one_letter_code
;MARVAVLISGTGSNLQALIDSTREPNSSAQIDIVISNKAAVAGLDKAERAGIPTRVINHKLYKNRVEFDSAIDLVLEEFS
IDIVCLAGFMRILSGPFVQKWNGKMLNIHPSLLPSFKGSNAHEQALETGVTVTGCTVHFVAEDVDAGQIILQEAVPVKRG
DTVATLSERVKLAEHKIFPAALQLVASGTVQLGENGKICWVKEEHHHHHH
;
_entity_poly.pdbx_strand_id   A
#
loop_
_chem_comp.id
_chem_comp.type
_chem_comp.name
_chem_comp.formula
GAR non-polymer 'GLYCINAMIDE RIBONUCLEOTIDE' 'C7 H13 N2 O8 P -2'
V97 non-polymer 'N-{5-[4-(2-amino-4-oxo-3,4-dihydrothieno[2,3-d]pyrimidin-6-yl)butyl]thiophene-2-carbonyl}-L-glutamic acid' 'C20 H22 N4 O6 S2'
#
# COMPACT_ATOMS: atom_id res chain seq x y z
N ALA A 2 0.24 -6.89 -15.66
CA ALA A 2 0.81 -5.69 -15.05
C ALA A 2 1.92 -6.10 -14.12
N ARG A 3 3.09 -5.53 -14.32
CA ARG A 3 4.24 -5.79 -13.46
C ARG A 3 4.17 -4.86 -12.25
N VAL A 4 4.30 -5.43 -11.06
CA VAL A 4 4.03 -4.72 -9.82
C VAL A 4 5.30 -4.68 -8.97
N ALA A 5 5.56 -3.52 -8.37
CA ALA A 5 6.49 -3.39 -7.26
C ALA A 5 5.69 -3.21 -5.96
N VAL A 6 6.15 -3.86 -4.89
CA VAL A 6 5.58 -3.65 -3.56
C VAL A 6 6.64 -3.01 -2.69
N LEU A 7 6.31 -1.85 -2.13
CA LEU A 7 7.18 -1.15 -1.20
C LEU A 7 6.69 -1.42 0.22
N ILE A 8 7.64 -1.69 1.13
CA ILE A 8 7.34 -2.09 2.50
C ILE A 8 8.25 -1.33 3.44
N SER A 9 7.87 -1.32 4.72
CA SER A 9 8.75 -0.84 5.77
C SER A 9 8.89 -1.81 6.94
N GLY A 10 8.17 -2.94 6.93
CA GLY A 10 8.19 -3.81 8.09
C GLY A 10 7.75 -5.24 7.88
N THR A 11 6.71 -5.64 8.63
CA THR A 11 6.39 -7.06 8.79
C THR A 11 6.03 -7.72 7.46
N GLY A 12 5.22 -7.05 6.65
CA GLY A 12 4.92 -7.55 5.32
C GLY A 12 3.75 -8.49 5.22
N SER A 13 2.79 -8.44 6.16
CA SER A 13 1.61 -9.29 6.01
C SER A 13 0.78 -8.89 4.78
N ASN A 14 0.66 -7.59 4.48
CA ASN A 14 -0.03 -7.22 3.26
C ASN A 14 0.73 -7.70 2.03
N LEU A 15 2.07 -7.57 2.03
CA LEU A 15 2.87 -8.15 0.96
C LEU A 15 2.54 -9.62 0.77
N GLN A 16 2.48 -10.39 1.89
CA GLN A 16 2.21 -11.82 1.78
C GLN A 16 0.86 -12.07 1.11
N ALA A 17 -0.16 -11.29 1.47
CA ALA A 17 -1.47 -11.47 0.87
C ALA A 17 -1.44 -11.15 -0.62
N LEU A 18 -0.67 -10.14 -1.00
CA LEU A 18 -0.53 -9.80 -2.42
C LEU A 18 0.22 -10.91 -3.16
N ILE A 19 1.30 -11.41 -2.58
CA ILE A 19 2.00 -12.54 -3.20
C ILE A 19 1.03 -13.69 -3.42
N ASP A 20 0.30 -14.08 -2.37
CA ASP A 20 -0.62 -15.21 -2.50
C ASP A 20 -1.66 -14.96 -3.61
N SER A 21 -2.24 -13.75 -3.66
CA SER A 21 -3.28 -13.52 -4.65
C SER A 21 -2.71 -13.51 -6.06
N THR A 22 -1.51 -12.92 -6.24
CA THR A 22 -0.96 -12.83 -7.60
C THR A 22 -0.43 -14.15 -8.13
N ARG A 23 -0.47 -15.22 -7.34
CA ARG A 23 -0.13 -16.53 -7.86
C ARG A 23 -1.34 -17.34 -8.28
N GLU A 24 -2.55 -16.83 -8.03
CA GLU A 24 -3.74 -17.48 -8.57
C GLU A 24 -3.67 -17.45 -10.09
N PRO A 25 -4.10 -18.51 -10.77
CA PRO A 25 -4.00 -18.51 -12.24
C PRO A 25 -4.61 -17.28 -12.90
N ASN A 26 -5.73 -16.77 -12.39
CA ASN A 26 -6.42 -15.64 -13.02
C ASN A 26 -5.87 -14.28 -12.62
N SER A 27 -4.79 -14.22 -11.85
CA SER A 27 -4.23 -12.92 -11.48
C SER A 27 -3.75 -12.17 -12.71
N SER A 28 -4.12 -10.89 -12.79
CA SER A 28 -3.64 -9.99 -13.83
C SER A 28 -2.41 -9.22 -13.40
N ALA A 29 -1.89 -9.49 -12.20
CA ALA A 29 -0.71 -8.82 -11.69
C ALA A 29 0.36 -9.86 -11.35
N GLN A 30 1.61 -9.45 -11.52
CA GLN A 30 2.77 -10.22 -11.08
C GLN A 30 3.67 -9.32 -10.26
N ILE A 31 4.18 -9.83 -9.14
CA ILE A 31 5.07 -9.02 -8.32
C ILE A 31 6.49 -9.31 -8.75
N ASP A 32 7.18 -8.30 -9.29
CA ASP A 32 8.52 -8.48 -9.81
C ASP A 32 9.61 -7.92 -8.92
N ILE A 33 9.27 -7.17 -7.87
CA ILE A 33 10.29 -6.54 -7.03
C ILE A 33 9.63 -6.08 -5.73
N VAL A 34 10.34 -6.29 -4.63
CA VAL A 34 9.95 -5.77 -3.32
C VAL A 34 11.03 -4.81 -2.84
N ILE A 35 10.64 -3.59 -2.49
CA ILE A 35 11.57 -2.55 -2.08
C ILE A 35 11.25 -2.18 -0.64
N SER A 36 12.27 -2.17 0.22
CA SER A 36 12.11 -1.74 1.61
C SER A 36 13.01 -0.53 1.86
N ASN A 37 12.51 0.42 2.65
CA ASN A 37 13.36 1.51 3.11
C ASN A 37 14.11 1.15 4.38
N LYS A 38 13.88 -0.05 4.93
CA LYS A 38 14.51 -0.46 6.17
C LYS A 38 15.03 -1.89 6.02
N ALA A 39 16.22 -2.12 6.55
CA ALA A 39 16.89 -3.40 6.47
C ALA A 39 16.36 -4.37 7.52
N ALA A 40 16.54 -5.67 7.24
CA ALA A 40 16.29 -6.74 8.21
C ALA A 40 14.85 -6.82 8.67
N VAL A 41 13.91 -6.27 7.91
CA VAL A 41 12.51 -6.41 8.29
C VAL A 41 11.97 -7.73 7.73
N ALA A 42 10.91 -8.23 8.37
CA ALA A 42 10.39 -9.56 8.04
C ALA A 42 9.83 -9.61 6.61
N GLY A 43 9.28 -8.49 6.11
CA GLY A 43 8.76 -8.49 4.75
C GLY A 43 9.79 -8.87 3.71
N LEU A 44 11.08 -8.61 3.99
CA LEU A 44 12.13 -9.00 3.05
C LEU A 44 12.31 -10.51 3.04
N ASP A 45 12.15 -11.16 4.20
CA ASP A 45 12.20 -12.61 4.27
C ASP A 45 11.06 -13.25 3.49
N LYS A 46 9.85 -12.68 3.61
CA LYS A 46 8.71 -13.21 2.88
C LYS A 46 8.95 -13.12 1.37
N ALA A 47 9.44 -11.98 0.90
CA ALA A 47 9.77 -11.84 -0.52
C ALA A 47 10.78 -12.89 -0.95
N GLU A 48 11.88 -13.01 -0.20
CA GLU A 48 12.93 -13.96 -0.58
C GLU A 48 12.41 -15.40 -0.56
N ARG A 49 11.59 -15.76 0.41
CA ARG A 49 11.00 -17.10 0.42
C ARG A 49 10.14 -17.34 -0.81
N ALA A 50 9.52 -16.28 -1.33
CA ALA A 50 8.70 -16.40 -2.54
C ALA A 50 9.52 -16.25 -3.82
N GLY A 51 10.84 -16.12 -3.73
CA GLY A 51 11.64 -16.00 -4.94
C GLY A 51 11.57 -14.66 -5.62
N ILE A 52 11.14 -13.62 -4.91
CA ILE A 52 10.98 -12.29 -5.49
C ILE A 52 12.22 -11.46 -5.16
N PRO A 53 12.84 -10.81 -6.14
CA PRO A 53 13.96 -9.90 -5.85
C PRO A 53 13.58 -8.83 -4.84
N THR A 54 14.57 -8.42 -4.05
CA THR A 54 14.39 -7.39 -3.04
C THR A 54 15.48 -6.34 -3.20
N ARG A 55 15.16 -5.10 -2.86
CA ARG A 55 16.13 -4.03 -2.76
C ARG A 55 15.85 -3.25 -1.49
N VAL A 56 16.91 -2.92 -0.75
CA VAL A 56 16.81 -2.02 0.40
C VAL A 56 17.37 -0.67 -0.02
N ILE A 57 16.59 0.38 0.18
CA ILE A 57 17.00 1.74 -0.15
C ILE A 57 16.87 2.55 1.14
N ASN A 58 18.00 2.79 1.80
CA ASN A 58 17.99 3.44 3.12
C ASN A 58 17.76 4.93 2.95
N HIS A 59 16.52 5.37 3.17
CA HIS A 59 16.17 6.78 3.03
C HIS A 59 17.11 7.67 3.83
N LYS A 60 17.63 7.17 4.95
CA LYS A 60 18.52 7.95 5.78
C LYS A 60 19.83 8.28 5.08
N LEU A 61 20.21 7.52 4.05
CA LEU A 61 21.48 7.73 3.36
C LEU A 61 21.40 8.75 2.24
N TYR A 62 20.25 9.39 2.03
CA TYR A 62 20.07 10.33 0.92
C TYR A 62 19.94 11.75 1.43
N LYS A 63 20.22 12.70 0.53
CA LYS A 63 20.20 14.11 0.89
C LYS A 63 18.79 14.56 1.28
N ASN A 64 17.80 14.23 0.47
CA ASN A 64 16.45 14.74 0.64
C ASN A 64 15.47 13.72 0.10
N ARG A 65 14.18 14.05 0.17
CA ARG A 65 13.13 13.14 -0.29
C ARG A 65 13.23 12.90 -1.79
N VAL A 66 13.52 13.94 -2.57
CA VAL A 66 13.56 13.79 -4.02
C VAL A 66 14.65 12.81 -4.44
N GLU A 67 15.84 12.94 -3.85
CA GLU A 67 16.92 12.02 -4.22
C GLU A 67 16.58 10.59 -3.81
N PHE A 68 16.01 10.43 -2.62
CA PHE A 68 15.59 9.11 -2.19
C PHE A 68 14.57 8.50 -3.15
N ASP A 69 13.50 9.24 -3.44
CA ASP A 69 12.50 8.74 -4.39
C ASP A 69 13.12 8.45 -5.74
N SER A 70 14.08 9.29 -6.17
CA SER A 70 14.77 9.05 -7.42
C SER A 70 15.42 7.67 -7.42
N ALA A 71 15.97 7.25 -6.29
CA ALA A 71 16.57 5.92 -6.20
C ALA A 71 15.51 4.84 -6.34
N ILE A 72 14.35 5.03 -5.71
CA ILE A 72 13.25 4.09 -5.91
C ILE A 72 12.85 4.04 -7.38
N ASP A 73 12.67 5.22 -7.98
CA ASP A 73 12.23 5.30 -9.37
C ASP A 73 13.20 4.58 -10.29
N LEU A 74 14.50 4.68 -10.01
CA LEU A 74 15.49 3.96 -10.81
C LEU A 74 15.20 2.46 -10.80
N VAL A 75 14.92 1.90 -9.62
CA VAL A 75 14.66 0.47 -9.54
C VAL A 75 13.36 0.12 -10.28
N LEU A 76 12.34 0.97 -10.12
CA LEU A 76 11.08 0.72 -10.80
C LEU A 76 11.28 0.68 -12.31
N GLU A 77 12.09 1.59 -12.85
CA GLU A 77 12.40 1.57 -14.28
C GLU A 77 13.21 0.34 -14.63
N GLU A 78 14.21 0.00 -13.82
CA GLU A 78 15.00 -1.20 -14.08
C GLU A 78 14.12 -2.43 -14.26
N PHE A 79 13.09 -2.58 -13.42
CA PHE A 79 12.21 -3.74 -13.48
C PHE A 79 10.96 -3.50 -14.33
N SER A 80 10.91 -2.43 -15.11
CA SER A 80 9.79 -2.14 -16.02
C SER A 80 8.45 -2.25 -15.30
N ILE A 81 8.35 -1.59 -14.15
CA ILE A 81 7.15 -1.70 -13.31
C ILE A 81 6.00 -0.91 -13.92
N ASP A 82 4.79 -1.48 -13.84
CA ASP A 82 3.57 -0.82 -14.25
C ASP A 82 2.77 -0.23 -13.08
N ILE A 83 2.76 -0.91 -11.94
CA ILE A 83 1.94 -0.54 -10.79
C ILE A 83 2.80 -0.65 -9.54
N VAL A 84 2.64 0.31 -8.63
CA VAL A 84 3.33 0.33 -7.34
C VAL A 84 2.31 0.18 -6.22
N CYS A 85 2.52 -0.80 -5.34
CA CYS A 85 1.70 -0.98 -4.14
C CYS A 85 2.53 -0.60 -2.91
N LEU A 86 2.01 0.34 -2.12
CA LEU A 86 2.59 0.70 -0.83
C LEU A 86 1.91 -0.18 0.23
N ALA A 87 2.67 -1.11 0.80
CA ALA A 87 2.15 -2.14 1.71
C ALA A 87 2.90 -2.01 3.03
N GLY A 88 2.40 -1.12 3.90
CA GLY A 88 3.14 -0.83 5.12
C GLY A 88 4.35 0.04 4.90
N PHE A 89 4.41 0.75 3.77
CA PHE A 89 5.47 1.70 3.50
C PHE A 89 5.21 2.98 4.29
N MET A 90 6.12 3.34 5.18
CA MET A 90 5.90 4.42 6.12
C MET A 90 6.75 5.65 5.84
N ARG A 91 6.93 5.99 4.56
CA ARG A 91 7.62 7.22 4.18
C ARG A 91 6.75 8.01 3.22
N ILE A 92 6.70 9.31 3.44
CA ILE A 92 5.93 10.19 2.56
C ILE A 92 6.73 10.41 1.28
N LEU A 93 6.06 10.31 0.13
CA LEU A 93 6.71 10.43 -1.16
C LEU A 93 6.65 11.87 -1.66
N SER A 94 7.66 12.26 -2.42
CA SER A 94 7.74 13.61 -2.94
C SER A 94 6.72 13.83 -4.06
N GLY A 95 6.43 15.10 -4.31
CA GLY A 95 5.45 15.49 -5.30
C GLY A 95 5.71 14.95 -6.71
N PRO A 96 6.91 15.18 -7.25
CA PRO A 96 7.16 14.76 -8.63
C PRO A 96 7.13 13.24 -8.80
N PHE A 97 7.54 12.49 -7.77
CA PHE A 97 7.42 11.05 -7.84
C PHE A 97 5.95 10.63 -7.85
N VAL A 98 5.13 11.23 -6.98
CA VAL A 98 3.70 10.94 -6.99
C VAL A 98 3.09 11.33 -8.33
N GLN A 99 3.44 12.51 -8.86
CA GLN A 99 2.95 12.90 -10.18
C GLN A 99 3.30 11.86 -11.22
N LYS A 100 4.56 11.43 -11.26
CA LYS A 100 4.99 10.48 -12.29
C LYS A 100 4.15 9.22 -12.26
N TRP A 101 3.87 8.70 -11.07
CA TRP A 101 3.15 7.46 -10.89
C TRP A 101 1.65 7.68 -10.67
N ASN A 102 1.17 8.88 -10.96
CA ASN A 102 -0.24 9.19 -10.82
C ASN A 102 -1.09 8.13 -11.53
N GLY A 103 -2.07 7.59 -10.82
CA GLY A 103 -2.92 6.59 -11.42
C GLY A 103 -2.32 5.22 -11.50
N LYS A 104 -1.09 5.03 -10.99
CA LYS A 104 -0.41 3.75 -11.04
C LYS A 104 0.10 3.29 -9.68
N MET A 105 -0.20 4.01 -8.61
CA MET A 105 0.36 3.69 -7.30
C MET A 105 -0.78 3.59 -6.29
N LEU A 106 -0.88 2.46 -5.61
CA LEU A 106 -1.94 2.18 -4.64
C LEU A 106 -1.37 2.14 -3.24
N ASN A 107 -2.21 2.48 -2.26
CA ASN A 107 -1.81 2.44 -0.86
C ASN A 107 -2.92 1.81 -0.03
N ILE A 108 -2.53 1.02 0.98
CA ILE A 108 -3.48 0.49 1.97
C ILE A 108 -3.36 1.32 3.25
N HIS A 109 -4.49 1.78 3.77
CA HIS A 109 -4.51 2.61 4.97
C HIS A 109 -5.52 2.01 5.96
N PRO A 110 -5.14 1.83 7.23
CA PRO A 110 -5.98 1.11 8.19
C PRO A 110 -7.05 1.99 8.85
N SER A 111 -7.79 2.73 8.02
CA SER A 111 -8.99 3.43 8.49
C SER A 111 -9.94 3.56 7.32
N LEU A 112 -11.17 3.99 7.62
CA LEU A 112 -12.13 4.36 6.57
C LEU A 112 -11.89 5.83 6.26
N LEU A 113 -10.96 6.08 5.34
CA LEU A 113 -10.71 7.46 4.93
C LEU A 113 -12.05 8.03 4.51
N PRO A 114 -12.31 9.31 4.72
CA PRO A 114 -11.28 10.29 5.11
C PRO A 114 -11.01 10.38 6.61
N SER A 115 -11.57 9.48 7.42
CA SER A 115 -11.30 9.53 8.85
C SER A 115 -9.87 9.07 9.14
N PHE A 116 -9.23 9.71 10.12
CA PHE A 116 -8.01 9.19 10.74
C PHE A 116 -6.89 9.01 9.73
N LYS A 117 -6.56 10.10 9.05
CA LYS A 117 -5.39 10.09 8.17
C LYS A 117 -4.11 10.09 9.01
N GLY A 118 -3.03 9.62 8.43
CA GLY A 118 -1.75 9.72 9.10
C GLY A 118 -1.24 8.36 9.58
N SER A 119 -0.20 8.42 10.41
CA SER A 119 0.58 7.22 10.70
C SER A 119 0.06 6.42 11.89
N ASN A 120 -0.90 6.94 12.65
CA ASN A 120 -1.39 6.29 13.87
C ASN A 120 -2.90 6.16 13.85
N ALA A 121 -3.44 5.64 12.74
CA ALA A 121 -4.87 5.62 12.54
C ALA A 121 -5.59 4.88 13.67
N HIS A 122 -5.09 3.69 14.04
CA HIS A 122 -5.72 2.92 15.11
C HIS A 122 -5.76 3.71 16.41
N GLU A 123 -4.66 4.39 16.75
CA GLU A 123 -4.66 5.21 17.96
C GLU A 123 -5.75 6.26 17.90
N GLN A 124 -5.89 6.93 16.76
CA GLN A 124 -6.92 7.95 16.62
C GLN A 124 -8.31 7.33 16.74
N ALA A 125 -8.52 6.20 16.06
CA ALA A 125 -9.83 5.56 16.11
C ALA A 125 -10.21 5.19 17.54
N LEU A 126 -9.25 4.65 18.31
CA LEU A 126 -9.54 4.28 19.69
C LEU A 126 -9.78 5.51 20.56
N GLU A 127 -8.97 6.55 20.39
N GLU A 127 -8.96 6.56 20.38
CA GLU A 127 -9.17 7.78 21.17
CA GLU A 127 -9.15 7.79 21.14
C GLU A 127 -10.52 8.43 20.84
C GLU A 127 -10.50 8.43 20.83
N THR A 128 -10.90 8.41 19.56
CA THR A 128 -12.17 9.02 19.17
C THR A 128 -13.36 8.24 19.68
N GLY A 129 -13.25 6.91 19.80
CA GLY A 129 -14.35 6.11 20.29
C GLY A 129 -15.28 5.58 19.23
N VAL A 130 -14.86 5.50 17.98
CA VAL A 130 -15.73 4.90 16.98
C VAL A 130 -15.97 3.45 17.33
N THR A 131 -17.15 2.93 16.96
CA THR A 131 -17.41 1.51 17.06
C THR A 131 -17.25 0.80 15.72
N VAL A 132 -17.07 1.55 14.63
CA VAL A 132 -16.78 0.98 13.32
C VAL A 132 -15.54 1.67 12.77
N THR A 133 -14.53 0.88 12.42
CA THR A 133 -13.41 1.43 11.67
C THR A 133 -13.29 0.59 10.41
N GLY A 134 -12.11 0.48 9.83
CA GLY A 134 -11.96 -0.31 8.62
C GLY A 134 -10.64 0.01 7.95
N CYS A 135 -10.54 -0.33 6.67
CA CYS A 135 -9.34 -0.03 5.91
C CYS A 135 -9.74 0.45 4.51
N THR A 136 -8.79 1.10 3.85
CA THR A 136 -8.99 1.76 2.56
C THR A 136 -7.81 1.49 1.64
N VAL A 137 -8.09 1.08 0.41
CA VAL A 137 -7.10 1.14 -0.66
C VAL A 137 -7.43 2.33 -1.54
N HIS A 138 -6.45 3.20 -1.77
CA HIS A 138 -6.67 4.38 -2.58
C HIS A 138 -5.49 4.58 -3.52
N PHE A 139 -5.74 5.28 -4.61
CA PHE A 139 -4.65 5.81 -5.43
C PHE A 139 -3.89 6.88 -4.64
N VAL A 140 -2.57 6.89 -4.79
CA VAL A 140 -1.76 7.89 -4.11
C VAL A 140 -1.78 9.17 -4.92
N ALA A 141 -2.29 10.24 -4.33
CA ALA A 141 -2.17 11.59 -4.84
C ALA A 141 -1.19 12.35 -3.97
N GLU A 142 -0.75 13.52 -4.44
CA GLU A 142 0.26 14.25 -3.70
C GLU A 142 -0.20 14.55 -2.27
N ASP A 143 -1.49 14.86 -2.10
CA ASP A 143 -2.07 15.09 -0.78
C ASP A 143 -2.22 13.77 -0.03
N VAL A 144 -1.58 13.68 1.14
CA VAL A 144 -1.48 12.40 1.85
C VAL A 144 -2.86 11.85 2.20
N ASP A 145 -3.04 10.54 1.99
CA ASP A 145 -4.29 9.84 2.29
C ASP A 145 -5.51 10.56 1.71
N ALA A 146 -5.32 11.19 0.54
CA ALA A 146 -6.40 11.97 -0.09
C ALA A 146 -6.51 11.69 -1.59
N GLY A 147 -6.01 10.55 -2.06
CA GLY A 147 -6.22 10.13 -3.43
C GLY A 147 -7.54 9.39 -3.58
N GLN A 148 -7.83 9.00 -4.81
CA GLN A 148 -9.14 8.43 -5.12
C GLN A 148 -9.28 7.04 -4.51
N ILE A 149 -10.39 6.82 -3.83
CA ILE A 149 -10.63 5.58 -3.09
C ILE A 149 -11.04 4.48 -4.06
N ILE A 150 -10.40 3.33 -3.93
CA ILE A 150 -10.69 2.18 -4.78
C ILE A 150 -11.61 1.22 -4.07
N LEU A 151 -11.22 0.74 -2.88
CA LEU A 151 -12.07 -0.15 -2.10
C LEU A 151 -11.91 0.20 -0.62
N GLN A 152 -12.93 -0.18 0.15
CA GLN A 152 -12.90 -0.06 1.61
C GLN A 152 -13.63 -1.25 2.20
N GLU A 153 -13.32 -1.56 3.45
CA GLU A 153 -14.06 -2.58 4.18
C GLU A 153 -14.19 -2.17 5.64
N ALA A 154 -15.42 -2.16 6.14
CA ALA A 154 -15.64 -1.81 7.54
C ALA A 154 -15.23 -2.96 8.44
N VAL A 155 -14.77 -2.61 9.64
CA VAL A 155 -14.35 -3.56 10.66
C VAL A 155 -14.86 -3.05 12.01
N PRO A 156 -15.51 -3.89 12.81
CA PRO A 156 -16.02 -3.40 14.10
C PRO A 156 -14.91 -3.15 15.08
N VAL A 157 -15.10 -2.15 15.95
CA VAL A 157 -14.27 -1.99 17.13
C VAL A 157 -14.96 -2.69 18.30
N LYS A 158 -14.22 -3.53 19.03
CA LYS A 158 -14.79 -4.22 20.18
C LYS A 158 -14.39 -3.50 21.46
N ARG A 159 -15.25 -3.58 22.46
CA ARG A 159 -14.94 -2.95 23.73
C ARG A 159 -13.69 -3.57 24.32
N GLY A 160 -12.81 -2.72 24.85
CA GLY A 160 -11.52 -3.17 25.33
C GLY A 160 -10.48 -3.36 24.25
N ASP A 161 -10.76 -2.99 23.00
CA ASP A 161 -9.77 -3.12 21.94
C ASP A 161 -8.55 -2.25 22.24
N THR A 162 -7.39 -2.74 21.85
CA THR A 162 -6.16 -1.98 21.83
C THR A 162 -5.67 -1.90 20.40
N VAL A 163 -4.64 -1.07 20.17
CA VAL A 163 -3.98 -1.09 18.86
C VAL A 163 -3.66 -2.53 18.44
N ALA A 164 -3.16 -3.33 19.38
CA ALA A 164 -2.80 -4.70 19.03
C ALA A 164 -4.01 -5.46 18.49
N THR A 165 -5.11 -5.51 19.26
CA THR A 165 -6.24 -6.34 18.85
C THR A 165 -7.00 -5.72 17.69
N LEU A 166 -7.14 -4.39 17.66
CA LEU A 166 -7.82 -3.76 16.53
C LEU A 166 -7.04 -3.93 15.23
N SER A 167 -5.73 -3.70 15.27
CA SER A 167 -4.94 -3.82 14.05
C SER A 167 -4.98 -5.24 13.51
N GLU A 168 -5.06 -6.23 14.40
CA GLU A 168 -5.16 -7.62 13.95
C GLU A 168 -6.46 -7.85 13.18
N ARG A 169 -7.58 -7.38 13.74
CA ARG A 169 -8.86 -7.55 13.05
C ARG A 169 -8.88 -6.76 11.73
N VAL A 170 -8.38 -5.53 11.74
CA VAL A 170 -8.40 -4.74 10.50
C VAL A 170 -7.51 -5.38 9.43
N LYS A 171 -6.39 -5.97 9.83
CA LYS A 171 -5.49 -6.57 8.83
C LYS A 171 -6.18 -7.71 8.07
N LEU A 172 -7.04 -8.49 8.75
CA LEU A 172 -7.78 -9.51 8.02
C LEU A 172 -8.58 -8.89 6.87
N ALA A 173 -9.05 -7.65 7.05
CA ALA A 173 -9.77 -6.98 5.97
C ALA A 173 -8.81 -6.41 4.95
N GLU A 174 -7.68 -5.86 5.40
CA GLU A 174 -6.66 -5.37 4.49
C GLU A 174 -6.26 -6.45 3.50
N HIS A 175 -6.06 -7.67 3.99
CA HIS A 175 -5.57 -8.76 3.16
C HIS A 175 -6.62 -9.23 2.16
N LYS A 176 -7.86 -8.77 2.29
CA LYS A 176 -8.88 -9.03 1.28
C LYS A 176 -8.94 -7.90 0.27
N ILE A 177 -9.09 -6.64 0.73
CA ILE A 177 -9.32 -5.58 -0.24
C ILE A 177 -8.04 -5.17 -0.97
N PHE A 178 -6.84 -5.33 -0.37
CA PHE A 178 -5.65 -4.95 -1.14
C PHE A 178 -5.47 -5.85 -2.35
N PRO A 179 -5.45 -7.17 -2.22
CA PRO A 179 -5.37 -8.01 -3.43
C PRO A 179 -6.51 -7.75 -4.41
N ALA A 180 -7.73 -7.53 -3.90
CA ALA A 180 -8.84 -7.28 -4.80
C ALA A 180 -8.64 -5.98 -5.57
N ALA A 181 -8.20 -4.92 -4.88
CA ALA A 181 -7.98 -3.62 -5.52
C ALA A 181 -6.86 -3.71 -6.55
N LEU A 182 -5.79 -4.43 -6.22
CA LEU A 182 -4.71 -4.57 -7.19
C LEU A 182 -5.20 -5.28 -8.44
N GLN A 183 -6.00 -6.34 -8.27
CA GLN A 183 -6.57 -7.02 -9.42
C GLN A 183 -7.44 -6.07 -10.25
N LEU A 184 -8.22 -5.21 -9.60
CA LEU A 184 -9.07 -4.29 -10.35
C LEU A 184 -8.26 -3.35 -11.22
N VAL A 185 -7.14 -2.84 -10.70
CA VAL A 185 -6.30 -1.91 -11.44
C VAL A 185 -5.48 -2.66 -12.48
N ALA A 186 -4.90 -3.80 -12.10
CA ALA A 186 -4.07 -4.57 -13.03
C ALA A 186 -4.87 -5.08 -14.22
N SER A 187 -6.15 -5.40 -14.02
CA SER A 187 -6.98 -5.88 -15.13
C SER A 187 -7.54 -4.75 -15.97
N GLY A 188 -7.30 -3.50 -15.59
CA GLY A 188 -7.94 -2.40 -16.30
C GLY A 188 -9.42 -2.25 -16.02
N THR A 189 -9.93 -2.91 -14.98
CA THR A 189 -11.33 -2.75 -14.61
C THR A 189 -11.59 -1.37 -14.01
N VAL A 190 -10.59 -0.80 -13.35
CA VAL A 190 -10.68 0.46 -12.65
C VAL A 190 -9.47 1.29 -13.05
N GLN A 191 -9.68 2.56 -13.36
CA GLN A 191 -8.59 3.48 -13.59
C GLN A 191 -8.95 4.83 -13.01
N LEU A 192 -7.94 5.67 -12.83
CA LEU A 192 -8.15 7.09 -12.68
C LEU A 192 -8.72 7.66 -13.97
N GLY A 193 -9.88 8.33 -13.87
CA GLY A 193 -10.45 8.94 -15.06
C GLY A 193 -9.73 10.23 -15.45
N GLU A 194 -10.09 10.74 -16.63
CA GLU A 194 -9.49 12.00 -17.09
C GLU A 194 -9.89 13.17 -16.19
N ASN A 195 -11.13 13.16 -15.67
CA ASN A 195 -11.50 14.13 -14.64
C ASN A 195 -10.81 13.87 -13.30
N GLY A 196 -9.83 12.96 -13.29
CA GLY A 196 -9.04 12.66 -12.11
C GLY A 196 -9.71 11.78 -11.09
N LYS A 197 -10.97 11.43 -11.29
CA LYS A 197 -11.69 10.59 -10.33
C LYS A 197 -11.75 9.16 -10.82
N ILE A 198 -12.23 8.28 -9.95
CA ILE A 198 -12.12 6.84 -10.23
C ILE A 198 -13.18 6.44 -11.25
N CYS A 199 -12.74 5.68 -12.24
CA CYS A 199 -13.57 5.28 -13.38
C CYS A 199 -13.62 3.76 -13.40
N TRP A 200 -14.83 3.20 -13.35
CA TRP A 200 -15.02 1.76 -13.50
C TRP A 200 -15.28 1.46 -14.98
N VAL A 201 -14.31 0.84 -15.64
CA VAL A 201 -14.41 0.46 -17.04
C VAL A 201 -15.20 -0.85 -17.20
C1 GAR B . -0.94 -2.24 7.87
O6 GAR B . -1.94 -2.35 8.88
C2 GAR B . -1.22 -0.96 7.07
O8 GAR B . -2.60 -0.70 6.90
C3 GAR B . -0.47 0.08 7.92
O4 GAR B . 0.71 -0.60 8.40
C5 GAR B . 0.43 -2.01 8.49
C10 GAR B . 1.53 -2.77 7.77
O12 GAR B . 1.44 -4.14 8.11
N19 GAR B . -0.10 1.25 7.17
C21 GAR B . -0.30 2.47 7.67
O22 GAR B . -0.65 2.72 8.82
C23 GAR B . -0.01 3.56 6.65
N24 GAR B . -0.65 4.82 7.00
P15 GAR B . 2.27 -5.20 7.24
O16 GAR B . 1.63 -5.14 5.86
O17 GAR B . 3.70 -4.70 7.23
O18 GAR B . 2.07 -6.51 7.98
H1 GAR B . -0.97 -3.16 7.26
HO6 GAR B . -2.48 -3.13 8.71
H2 GAR B . -0.90 -0.99 6.01
HO8 GAR B . -2.72 0.14 6.44
H3 GAR B . -1.11 0.43 8.73
H5 GAR B . 0.43 -2.36 9.53
H101 GAR B . 1.42 -2.65 6.69
H102 GAR B . 2.50 -2.37 8.06
H19 GAR B . 0.31 1.13 6.26
H231 GAR B . -0.37 3.24 5.67
H232 GAR B . 1.07 3.72 6.57
H241 GAR B . -1.20 4.88 7.85
H242 GAR B . -0.54 5.62 6.40
C9 V97 C . 2.43 9.07 0.49
C8 V97 C . 1.07 8.83 0.58
C13 V97 C . 4.39 9.23 7.65
C6 V97 C . 1.90 6.90 1.65
C4 V97 C . 0.27 9.84 0.01
C2 V97 C . 2.13 11.02 -0.56
C14 V97 C . 3.14 9.85 7.74
C15 V97 C . 2.06 9.07 7.21
C16 V97 C . 2.46 7.83 6.68
C17 V97 C . 5.71 9.83 8.10
C20 V97 C . 8.11 9.86 8.21
C21 V97 C . 8.93 8.98 9.15
C22 V97 C . 9.14 7.56 8.63
C23 V97 C . 10.62 7.16 8.66
C26 V97 C . 8.88 10.18 6.93
C30 V97 C . 1.91 5.58 2.36
C31 V97 C . 2.25 5.78 3.85
C32 V97 C . 1.52 6.94 4.53
C33 V97 C . 1.57 6.81 6.05
C7 V97 C . 0.73 7.57 1.24
N1 V97 C . 3.00 10.14 -0.06
N11 V97 C . 2.64 12.10 -1.13
N19 V97 C . 6.87 9.23 7.81
N3 V97 C . 0.80 10.91 -0.54
O10 V97 C . -0.97 9.72 0.03
O18 V97 C . 5.73 10.89 8.71
O24 V97 C . 11.33 7.34 7.65
O25 V97 C . 11.11 6.65 9.71
O27 V97 C . 8.18 10.16 5.71
O28 V97 C . 10.08 10.91 7.00
S12 V97 C . 4.17 7.74 6.90
S5 V97 C . 3.29 7.75 1.23
#